data_4P7S
#
_entry.id   4P7S
#
_cell.length_a   79.554
_cell.length_b   80.138
_cell.length_c   97.663
_cell.angle_alpha   90.000
_cell.angle_beta   90.000
_cell.angle_gamma   90.000
#
_symmetry.space_group_name_H-M   'I 2 2 2'
#
loop_
_entity.id
_entity.type
_entity.pdbx_description
1 polymer 'Macrophage migration inhibitory factor-like protein'
2 non-polymer 4-(3-methoxy-5-methylphenoxy)-2-(4-methoxyphenyl)-6-methylpyridine
#
_entity_poly.entity_id   1
_entity_poly.type   'polypeptide(L)'
_entity_poly.pdbx_seq_one_letter_code
;PCCEVITNVNLPDDNVQSTLSQIENAISDVMGKPLGYIMSNYDYQKNLRFGGSNEAYCFVRITSIGGINRSNNSALADQI
TKLLVSNLNVKSRRIYVEFRDCSAQNFAFSGSLF
;
_entity_poly.pdbx_strand_id   A,B,C
#
loop_
_chem_comp.id
_chem_comp.type
_chem_comp.name
_chem_comp.formula
2OK non-polymer 4-(3-methoxy-5-methylphenoxy)-2-(4-methoxyphenyl)-6-methylpyridine 'C21 H21 N O3'
#
# COMPACT_ATOMS: atom_id res chain seq x y z
N PRO A 1 -13.40 -4.76 5.56
CA PRO A 1 -12.42 -4.26 6.50
C PRO A 1 -11.01 -4.78 6.23
N CYS A 2 -10.05 -4.06 6.77
CA CYS A 2 -8.69 -4.26 6.37
C CYS A 2 -7.79 -3.66 7.43
N CYS A 3 -6.82 -4.45 7.91
CA CYS A 3 -5.74 -3.92 8.77
C CYS A 3 -4.39 -4.06 8.08
N GLU A 4 -3.66 -2.97 7.89
CA GLU A 4 -2.31 -3.08 7.39
C GLU A 4 -1.30 -2.49 8.34
N VAL A 5 -0.32 -3.32 8.73
CA VAL A 5 0.80 -2.92 9.55
C VAL A 5 1.94 -2.58 8.61
N ILE A 6 2.42 -1.33 8.65
CA ILE A 6 3.48 -0.86 7.75
C ILE A 6 4.64 -0.43 8.63
N THR A 7 5.79 -1.06 8.42
CA THR A 7 6.87 -1.06 9.42
C THR A 7 8.23 -1.43 8.86
N ASN A 8 9.27 -0.92 9.51
CA ASN A 8 10.66 -1.23 9.16
C ASN A 8 11.23 -2.31 10.11
N VAL A 9 10.36 -2.93 10.89
CA VAL A 9 10.77 -4.01 11.76
C VAL A 9 10.61 -5.34 11.02
N ASN A 10 11.71 -6.03 10.77
CA ASN A 10 11.68 -7.30 10.04
C ASN A 10 11.40 -8.48 10.99
N LEU A 11 10.29 -9.17 10.80
CA LEU A 11 9.97 -10.38 11.53
C LEU A 11 9.97 -11.59 10.61
N PRO A 12 10.31 -12.77 11.14
CA PRO A 12 10.17 -13.99 10.36
C PRO A 12 8.69 -14.25 10.12
N ASP A 13 8.39 -14.95 9.05
CA ASP A 13 7.00 -15.17 8.62
C ASP A 13 6.11 -15.79 9.69
N ASP A 14 6.60 -16.81 10.39
CA ASP A 14 5.79 -17.48 11.42
C ASP A 14 5.29 -16.46 12.45
N ASN A 15 6.19 -15.59 12.89
CA ASN A 15 5.85 -14.50 13.80
C ASN A 15 4.88 -13.46 13.24
N VAL A 16 5.16 -13.01 12.01
CA VAL A 16 4.27 -12.11 11.29
C VAL A 16 2.84 -12.67 11.30
N GLN A 17 2.70 -13.96 11.01
CA GLN A 17 1.37 -14.56 10.91
C GLN A 17 0.67 -14.63 12.26
N SER A 18 1.42 -14.91 13.33
CA SER A 18 0.86 -14.96 14.69
C SER A 18 0.24 -13.62 15.00
N THR A 19 1.05 -12.59 14.78
CA THR A 19 0.67 -11.24 15.04
C THR A 19 -0.57 -10.89 14.25
N LEU A 20 -0.53 -11.10 12.93
CA LEU A 20 -1.68 -10.74 12.12
C LEU A 20 -2.95 -11.46 12.65
N SER A 21 -2.80 -12.72 12.99
CA SER A 21 -3.87 -13.51 13.52
C SER A 21 -4.38 -12.95 14.84
N GLN A 22 -3.47 -12.51 15.70
CA GLN A 22 -3.88 -11.90 16.98
C GLN A 22 -4.63 -10.60 16.77
N ILE A 23 -4.22 -9.83 15.76
CA ILE A 23 -4.87 -8.55 15.44
C ILE A 23 -6.28 -8.79 14.92
N GLU A 24 -6.44 -9.79 14.06
CA GLU A 24 -7.76 -10.13 13.52
C GLU A 24 -8.69 -10.47 14.64
N ASN A 25 -8.21 -11.28 15.57
CA ASN A 25 -8.98 -11.63 16.77
C ASN A 25 -9.48 -10.36 17.43
N ALA A 26 -8.54 -9.49 17.80
CA ALA A 26 -8.83 -8.20 18.43
C ALA A 26 -9.91 -7.41 17.69
N ILE A 27 -9.70 -7.16 16.40
CA ILE A 27 -10.71 -6.43 15.63
C ILE A 27 -12.08 -7.09 15.84
N SER A 28 -12.14 -8.37 15.64
CA SER A 28 -13.37 -9.10 15.79
C SER A 28 -13.91 -8.93 17.19
N ASP A 29 -13.08 -9.12 18.21
CA ASP A 29 -13.59 -9.05 19.59
C ASP A 29 -14.15 -7.67 19.94
N VAL A 30 -13.26 -6.68 19.93
CA VAL A 30 -13.53 -5.31 20.30
C VAL A 30 -14.56 -4.59 19.46
N MET A 31 -14.67 -4.91 18.18
CA MET A 31 -15.66 -4.30 17.31
C MET A 31 -16.84 -5.20 16.99
N GLY A 32 -16.72 -6.47 17.25
CA GLY A 32 -17.85 -7.37 16.99
C GLY A 32 -18.09 -7.65 15.51
N LYS A 33 -17.31 -7.01 14.66
CA LYS A 33 -17.30 -7.31 13.25
C LYS A 33 -16.98 -8.76 12.95
N PRO A 34 -17.63 -9.28 11.90
CA PRO A 34 -17.47 -10.66 11.42
C PRO A 34 -16.05 -11.06 11.18
N LEU A 35 -15.55 -12.01 11.94
CA LEU A 35 -14.20 -12.51 11.79
C LEU A 35 -14.16 -13.27 10.50
N GLY A 36 -12.97 -13.50 9.99
CA GLY A 36 -12.80 -14.08 8.63
C GLY A 36 -12.94 -13.08 7.47
N TYR A 37 -14.02 -12.32 7.51
CA TYR A 37 -14.25 -11.25 6.54
C TYR A 37 -13.37 -10.03 6.82
N ILE A 38 -12.06 -10.24 6.82
CA ILE A 38 -11.11 -9.23 7.03
C ILE A 38 -9.91 -9.50 6.19
N MET A 39 -9.28 -8.46 5.70
CA MET A 39 -7.90 -8.54 5.24
C MET A 39 -6.97 -8.10 6.39
N SER A 40 -5.80 -8.71 6.47
CA SER A 40 -4.70 -8.12 7.20
C SER A 40 -3.45 -8.28 6.37
N ASN A 41 -2.47 -7.42 6.62
CA ASN A 41 -1.17 -7.55 5.97
C ASN A 41 -0.04 -6.95 6.76
N TYR A 42 1.16 -7.51 6.57
CA TYR A 42 2.38 -6.99 7.17
C TYR A 42 3.34 -6.55 6.08
N ASP A 43 3.42 -5.25 5.86
CA ASP A 43 4.24 -4.65 4.79
C ASP A 43 5.58 -4.15 5.34
N TYR A 44 6.63 -4.93 5.09
CA TYR A 44 8.00 -4.59 5.48
C TYR A 44 8.60 -3.48 4.61
N GLN A 45 8.79 -2.29 5.20
CA GLN A 45 9.39 -1.15 4.52
C GLN A 45 10.59 -0.66 5.31
N LYS A 46 11.75 -1.23 4.99
CA LYS A 46 12.98 -0.99 5.72
C LYS A 46 13.38 0.51 5.79
N ASN A 47 13.13 1.24 4.70
CA ASN A 47 13.43 2.69 4.64
C ASN A 47 12.35 3.61 5.17
N LEU A 48 11.33 3.03 5.79
CA LEU A 48 10.25 3.80 6.41
C LEU A 48 10.83 4.68 7.52
N ARG A 49 10.42 5.96 7.53
CA ARG A 49 10.89 6.91 8.52
C ARG A 49 9.73 7.53 9.31
N PHE A 50 9.99 7.91 10.55
CA PHE A 50 9.10 8.80 11.29
C PHE A 50 9.93 9.76 12.12
N GLY A 51 9.58 11.06 12.05
CA GLY A 51 10.26 12.06 12.87
C GLY A 51 11.69 12.30 12.43
N GLY A 52 11.91 12.23 11.13
CA GLY A 52 13.25 12.31 10.56
C GLY A 52 14.19 11.14 10.86
N SER A 53 13.64 9.99 11.26
CA SER A 53 14.43 8.88 11.80
C SER A 53 13.95 7.52 11.29
N ASN A 54 14.90 6.64 10.98
CA ASN A 54 14.62 5.31 10.44
C ASN A 54 14.65 4.23 11.53
N GLU A 55 14.55 4.65 12.78
CA GLU A 55 14.49 3.74 13.93
C GLU A 55 13.22 2.87 13.87
N ALA A 56 13.15 1.76 14.61
CA ALA A 56 11.94 0.92 14.63
C ALA A 56 10.65 1.75 14.74
N TYR A 57 9.67 1.45 13.90
CA TYR A 57 8.41 2.18 13.83
C TYR A 57 7.25 1.40 13.23
N CYS A 58 6.03 1.63 13.72
CA CYS A 58 4.83 1.01 13.21
C CYS A 58 3.73 1.96 12.79
N PHE A 59 3.30 1.90 11.54
CA PHE A 59 2.08 2.56 11.10
C PHE A 59 1.03 1.47 10.90
N VAL A 60 -0.12 1.63 11.56
CA VAL A 60 -1.23 0.69 11.40
C VAL A 60 -2.40 1.45 10.81
N ARG A 61 -2.80 1.07 9.60
CA ARG A 61 -4.00 1.63 8.98
C ARG A 61 -5.10 0.61 9.19
N ILE A 62 -6.25 1.07 9.72
CA ILE A 62 -7.45 0.28 9.82
C ILE A 62 -8.47 1.00 8.93
N THR A 63 -8.94 0.29 7.90
CA THR A 63 -9.91 0.86 6.98
C THR A 63 -11.26 0.16 7.09
N SER A 64 -12.33 0.94 7.20
CA SER A 64 -13.67 0.39 7.31
C SER A 64 -13.82 -0.45 8.58
N SER A 71 -14.61 5.82 21.65
CA SER A 71 -15.63 4.80 21.45
C SER A 71 -15.08 3.42 21.91
N ASN A 72 -15.51 2.35 21.25
CA ASN A 72 -14.81 1.06 21.33
C ASN A 72 -13.39 1.22 20.84
N ASN A 73 -13.13 2.21 19.99
CA ASN A 73 -11.84 2.32 19.28
C ASN A 73 -10.58 2.37 20.13
N SER A 74 -10.66 3.01 21.30
CA SER A 74 -9.54 3.06 22.24
C SER A 74 -9.11 1.66 22.70
N ALA A 75 -10.09 0.85 23.08
CA ALA A 75 -9.85 -0.55 23.47
C ALA A 75 -9.08 -1.30 22.36
N LEU A 76 -9.46 -1.10 21.10
CA LEU A 76 -8.81 -1.71 19.95
C LEU A 76 -7.38 -1.22 19.77
N ALA A 77 -7.22 0.09 19.66
CA ALA A 77 -5.90 0.69 19.52
C ALA A 77 -4.94 0.18 20.61
N ASP A 78 -5.39 0.28 21.86
CA ASP A 78 -4.65 -0.20 23.04
C ASP A 78 -4.22 -1.65 22.87
N GLN A 79 -5.17 -2.48 22.51
CA GLN A 79 -4.96 -3.92 22.38
C GLN A 79 -3.89 -4.22 21.33
N ILE A 80 -4.05 -3.64 20.15
CA ILE A 80 -3.04 -3.72 19.08
C ILE A 80 -1.66 -3.21 19.50
N THR A 81 -1.63 -2.04 20.15
CA THR A 81 -0.38 -1.42 20.62
C THR A 81 0.44 -2.34 21.54
N LYS A 82 -0.22 -3.10 22.42
CA LYS A 82 0.50 -4.08 23.26
C LYS A 82 1.05 -5.20 22.41
N LEU A 83 0.21 -5.76 21.53
CA LEU A 83 0.66 -6.84 20.64
C LEU A 83 1.95 -6.46 19.90
N LEU A 84 1.94 -5.29 19.26
CA LEU A 84 3.07 -4.83 18.47
C LEU A 84 4.27 -4.43 19.31
N VAL A 85 4.04 -3.84 20.47
CA VAL A 85 5.13 -3.58 21.42
C VAL A 85 5.79 -4.87 21.89
N SER A 86 4.96 -5.80 22.34
CA SER A 86 5.44 -7.10 22.72
C SER A 86 6.18 -7.80 21.56
N ASN A 87 5.48 -8.06 20.46
CA ASN A 87 5.99 -8.90 19.36
C ASN A 87 7.06 -8.26 18.49
N LEU A 88 7.10 -6.93 18.42
CA LEU A 88 8.05 -6.28 17.54
C LEU A 88 9.20 -5.61 18.26
N ASN A 89 9.16 -5.58 19.59
CA ASN A 89 10.21 -4.93 20.39
C ASN A 89 10.43 -3.50 19.87
N VAL A 90 9.35 -2.74 19.84
CA VAL A 90 9.35 -1.36 19.36
C VAL A 90 8.81 -0.53 20.53
N LYS A 91 9.32 0.70 20.67
CA LYS A 91 8.80 1.60 21.71
C LYS A 91 7.38 2.04 21.29
N SER A 92 6.47 2.14 22.25
CA SER A 92 5.08 2.55 21.94
C SER A 92 4.99 4.00 21.49
N ARG A 93 6.03 4.78 21.77
CA ARG A 93 6.21 6.12 21.26
C ARG A 93 6.56 6.13 19.76
N ARG A 94 6.79 4.95 19.19
CA ARG A 94 6.93 4.75 17.73
C ARG A 94 5.85 3.81 17.14
N ILE A 95 4.63 3.89 17.64
CA ILE A 95 3.47 3.17 17.07
C ILE A 95 2.35 4.19 16.85
N TYR A 96 1.86 4.29 15.61
CA TYR A 96 0.72 5.17 15.29
C TYR A 96 -0.36 4.28 14.66
N VAL A 97 -1.60 4.46 15.12
CA VAL A 97 -2.72 3.61 14.72
C VAL A 97 -3.80 4.49 14.12
N GLU A 98 -3.96 4.40 12.81
CA GLU A 98 -4.79 5.30 12.05
C GLU A 98 -6.04 4.54 11.58
N PHE A 99 -7.21 5.08 11.92
CA PHE A 99 -8.46 4.60 11.35
C PHE A 99 -8.77 5.51 10.16
N ARG A 100 -9.12 4.91 9.02
CA ARG A 100 -9.40 5.66 7.81
C ARG A 100 -10.67 5.19 7.08
N ASP A 101 -11.22 6.10 6.30
CA ASP A 101 -12.32 5.79 5.39
C ASP A 101 -12.00 6.32 3.99
N ASN A 106 -17.96 3.86 -5.62
CA ASN A 106 -17.26 2.61 -5.23
C ASN A 106 -18.06 1.31 -5.49
N PHE A 107 -17.49 0.35 -6.20
CA PHE A 107 -18.17 -0.93 -6.49
C PHE A 107 -17.27 -2.16 -6.14
N ALA A 108 -17.85 -3.26 -5.64
CA ALA A 108 -17.10 -4.42 -5.08
C ALA A 108 -17.62 -5.75 -5.63
N PHE A 109 -16.70 -6.69 -5.92
CA PHE A 109 -17.03 -8.05 -6.43
C PHE A 109 -16.16 -9.13 -5.81
N SER A 110 -16.77 -10.25 -5.45
CA SER A 110 -16.02 -11.49 -5.24
C SER A 110 -15.83 -12.18 -6.62
N GLY A 111 -14.67 -12.81 -6.80
CA GLY A 111 -14.38 -13.60 -8.03
C GLY A 111 -15.18 -14.89 -8.25
N SER A 112 -15.90 -15.36 -7.24
CA SER A 112 -16.82 -16.50 -7.39
C SER A 112 -18.11 -16.14 -8.18
N LEU A 113 -18.43 -14.85 -8.26
CA LEU A 113 -19.55 -14.38 -9.06
C LEU A 113 -19.30 -14.57 -10.56
N PHE A 114 -18.11 -15.04 -10.91
CA PHE A 114 -17.69 -15.21 -12.28
C PHE A 114 -17.03 -16.55 -12.49
N PRO B 1 0.41 13.12 8.88
CA PRO B 1 1.08 13.67 7.69
C PRO B 1 2.09 12.65 7.14
N CYS B 2 2.12 12.47 5.83
CA CYS B 2 2.71 11.27 5.29
C CYS B 2 3.08 11.49 3.83
N CYS B 3 4.30 11.12 3.44
CA CYS B 3 4.68 11.07 2.01
C CYS B 3 5.15 9.67 1.60
N GLU B 4 4.53 9.10 0.58
CA GLU B 4 5.04 7.85 0.03
C GLU B 4 5.46 8.02 -1.45
N VAL B 5 6.71 7.67 -1.73
CA VAL B 5 7.24 7.59 -3.11
C VAL B 5 7.14 6.16 -3.56
N ILE B 6 6.40 5.89 -4.63
CA ILE B 6 6.20 4.53 -5.13
C ILE B 6 6.77 4.47 -6.53
N THR B 7 7.75 3.57 -6.74
CA THR B 7 8.62 3.66 -7.90
C THR B 7 9.32 2.33 -8.22
N ASN B 8 9.69 2.16 -9.48
CA ASN B 8 10.48 1.01 -9.93
C ASN B 8 11.95 1.37 -10.05
N VAL B 9 12.33 2.55 -9.53
CA VAL B 9 13.72 2.97 -9.57
C VAL B 9 14.40 2.50 -8.29
N ASN B 10 15.39 1.61 -8.43
CA ASN B 10 16.10 1.06 -7.27
C ASN B 10 17.27 1.96 -6.88
N LEU B 11 17.21 2.50 -5.67
CA LEU B 11 18.31 3.27 -5.10
C LEU B 11 18.88 2.53 -3.92
N PRO B 12 20.19 2.70 -3.67
CA PRO B 12 20.77 2.17 -2.43
C PRO B 12 20.17 2.91 -1.23
N ASP B 13 20.12 2.24 -0.08
CA ASP B 13 19.45 2.79 1.11
C ASP B 13 19.94 4.17 1.55
N ASP B 14 21.26 4.40 1.56
CA ASP B 14 21.82 5.70 1.95
C ASP B 14 21.23 6.82 1.10
N ASN B 15 21.14 6.56 -0.22
CA ASN B 15 20.52 7.50 -1.17
C ASN B 15 19.01 7.69 -0.94
N VAL B 16 18.30 6.59 -0.75
CA VAL B 16 16.88 6.62 -0.40
C VAL B 16 16.62 7.53 0.81
N GLN B 17 17.42 7.36 1.84
CA GLN B 17 17.24 8.14 3.06
C GLN B 17 17.51 9.63 2.86
N SER B 18 18.51 9.96 2.05
CA SER B 18 18.80 11.36 1.73
C SER B 18 17.57 12.02 1.08
N THR B 19 17.06 11.35 0.06
CA THR B 19 15.90 11.81 -0.70
C THR B 19 14.69 11.98 0.22
N LEU B 20 14.40 10.95 1.02
CA LEU B 20 13.26 11.06 1.92
C LEU B 20 13.43 12.25 2.86
N SER B 21 14.64 12.41 3.37
CA SER B 21 14.96 13.54 4.22
C SER B 21 14.80 14.89 3.50
N GLN B 22 15.22 14.96 2.23
CA GLN B 22 15.03 16.18 1.44
C GLN B 22 13.56 16.50 1.20
N ILE B 23 12.75 15.47 1.03
CA ILE B 23 11.30 15.63 0.84
C ILE B 23 10.60 16.11 2.13
N GLU B 24 11.01 15.55 3.27
CA GLU B 24 10.49 15.96 4.57
C GLU B 24 10.76 17.44 4.76
N ASN B 25 11.99 17.87 4.45
CA ASN B 25 12.34 19.28 4.52
C ASN B 25 11.34 20.12 3.73
N ALA B 26 11.21 19.81 2.44
CA ALA B 26 10.27 20.48 1.56
C ALA B 26 8.88 20.55 2.16
N ILE B 27 8.30 19.41 2.52
CA ILE B 27 6.95 19.43 3.10
C ILE B 27 6.91 20.43 4.27
N SER B 28 7.88 20.28 5.18
CA SER B 28 8.07 21.17 6.31
C SER B 28 8.20 22.65 5.91
N ASP B 29 8.98 22.96 4.88
CA ASP B 29 9.19 24.35 4.48
C ASP B 29 7.87 24.91 3.94
N VAL B 30 7.41 24.37 2.82
CA VAL B 30 6.16 24.78 2.18
C VAL B 30 4.99 23.95 2.67
N LYS B 33 4.26 22.68 8.59
CA LYS B 33 4.64 22.76 9.99
C LYS B 33 6.07 22.24 10.18
N PRO B 34 6.36 21.68 11.36
CA PRO B 34 7.58 20.99 11.75
C PRO B 34 7.54 19.46 11.50
N LEU B 35 8.68 18.85 11.29
CA LEU B 35 8.69 17.48 10.78
C LEU B 35 8.75 16.29 11.72
N GLY B 36 8.32 16.46 12.95
CA GLY B 36 8.33 15.39 13.95
C GLY B 36 7.03 14.61 13.99
N TYR B 37 6.00 15.14 13.35
CA TYR B 37 4.74 14.43 13.21
C TYR B 37 4.56 14.05 11.75
N ILE B 38 5.56 13.42 11.16
CA ILE B 38 5.52 13.06 9.74
C ILE B 38 6.21 11.75 9.31
N MET B 39 5.50 10.93 8.54
CA MET B 39 6.03 9.71 7.92
C MET B 39 6.52 9.97 6.50
N SER B 40 7.58 9.27 6.12
CA SER B 40 7.90 9.13 4.71
C SER B 40 8.33 7.71 4.41
N ASN B 41 8.23 7.32 3.14
CA ASN B 41 8.70 6.00 2.73
C ASN B 41 9.02 5.93 1.24
N TYR B 42 9.97 5.08 0.92
CA TYR B 42 10.34 4.78 -0.44
C TYR B 42 9.96 3.33 -0.65
N ASP B 43 8.92 3.10 -1.45
CA ASP B 43 8.43 1.75 -1.76
C ASP B 43 8.93 1.34 -3.17
N TYR B 44 9.95 0.49 -3.19
CA TYR B 44 10.46 -0.10 -4.42
C TYR B 44 9.50 -1.19 -5.02
N GLN B 45 8.85 -0.86 -6.14
CA GLN B 45 7.96 -1.79 -6.89
C GLN B 45 8.46 -1.98 -8.32
N LYS B 46 9.33 -2.97 -8.50
CA LYS B 46 10.09 -3.17 -9.74
C LYS B 46 9.19 -3.40 -10.96
N ASN B 47 8.06 -4.06 -10.74
CA ASN B 47 7.10 -4.28 -11.83
C ASN B 47 6.06 -3.17 -12.03
N LEU B 48 6.23 -2.04 -11.38
CA LEU B 48 5.37 -0.89 -11.55
C LEU B 48 5.44 -0.39 -12.99
N ARG B 49 4.28 -0.13 -13.59
CA ARG B 49 4.20 0.33 -15.00
C ARG B 49 3.45 1.64 -15.11
N PHE B 50 3.78 2.42 -16.13
CA PHE B 50 2.97 3.57 -16.53
C PHE B 50 3.03 3.75 -18.04
N GLY B 51 1.88 3.99 -18.65
CA GLY B 51 1.80 4.11 -20.10
C GLY B 51 2.17 2.82 -20.84
N GLY B 52 1.77 1.68 -20.29
CA GLY B 52 2.11 0.38 -20.85
C GLY B 52 3.58 0.01 -20.81
N SER B 53 4.36 0.67 -19.95
CA SER B 53 5.82 0.58 -19.96
C SER B 53 6.40 0.53 -18.54
N ASN B 54 7.44 -0.29 -18.38
CA ASN B 54 8.11 -0.53 -17.07
C ASN B 54 9.37 0.32 -16.90
N GLU B 55 9.50 1.34 -17.75
CA GLU B 55 10.61 2.31 -17.70
C GLU B 55 10.50 3.08 -16.37
N ALA B 56 11.59 3.72 -15.98
CA ALA B 56 11.63 4.48 -14.75
C ALA B 56 10.37 5.37 -14.57
N TYR B 57 9.84 5.41 -13.33
CA TYR B 57 8.61 6.17 -13.03
C TYR B 57 8.38 6.38 -11.51
N CYS B 58 7.81 7.51 -11.15
CA CYS B 58 7.52 7.86 -9.74
C CYS B 58 6.07 8.26 -9.47
N PHE B 59 5.41 7.55 -8.56
CA PHE B 59 4.12 7.99 -8.02
C PHE B 59 4.39 8.48 -6.62
N VAL B 60 3.94 9.69 -6.32
CA VAL B 60 4.09 10.27 -4.98
C VAL B 60 2.70 10.54 -4.41
N ARG B 61 2.38 9.90 -3.29
CA ARG B 61 1.14 10.19 -2.58
C ARG B 61 1.48 10.99 -1.32
N ILE B 62 0.83 12.14 -1.17
CA ILE B 62 1.00 13.01 -0.02
C ILE B 62 -0.36 13.09 0.65
N THR B 63 -0.40 12.71 1.92
CA THR B 63 -1.63 12.64 2.68
C THR B 63 -1.61 13.63 3.84
N SER B 64 -2.76 14.27 4.10
CA SER B 64 -2.97 15.09 5.31
C SER B 64 -2.06 16.34 5.41
N ILE B 65 -2.24 17.32 4.54
CA ILE B 65 -1.36 18.49 4.50
C ILE B 65 -2.11 19.82 4.26
N ASN B 72 -1.55 26.42 -2.50
CA ASN B 72 -0.17 26.43 -3.01
C ASN B 72 0.56 25.06 -2.92
N ASN B 73 -0.20 24.00 -3.15
CA ASN B 73 0.34 22.67 -3.43
C ASN B 73 1.36 22.67 -4.55
N SER B 74 1.25 23.60 -5.51
CA SER B 74 2.21 23.66 -6.64
C SER B 74 3.65 23.75 -6.19
N ALA B 75 3.91 24.55 -5.15
CA ALA B 75 5.24 24.73 -4.60
C ALA B 75 5.84 23.40 -4.16
N LEU B 76 5.06 22.59 -3.44
CA LEU B 76 5.48 21.27 -2.95
C LEU B 76 5.71 20.32 -4.12
N ALA B 77 4.72 20.19 -4.99
CA ALA B 77 4.83 19.33 -6.16
C ALA B 77 6.09 19.61 -6.98
N ASP B 78 6.24 20.88 -7.38
CA ASP B 78 7.39 21.36 -8.18
C ASP B 78 8.70 21.01 -7.48
N GLN B 79 8.78 21.30 -6.19
CA GLN B 79 9.99 21.06 -5.41
C GLN B 79 10.37 19.56 -5.42
N ILE B 80 9.39 18.71 -5.07
CA ILE B 80 9.58 17.25 -5.03
C ILE B 80 9.98 16.68 -6.39
N THR B 81 9.30 17.12 -7.44
CA THR B 81 9.62 16.70 -8.82
C THR B 81 11.10 16.94 -9.21
N LYS B 82 11.68 18.09 -8.81
CA LYS B 82 13.09 18.35 -9.06
C LYS B 82 13.98 17.37 -8.27
N LEU B 83 13.68 17.21 -6.98
CA LEU B 83 14.42 16.26 -6.13
C LEU B 83 14.51 14.87 -6.74
N LEU B 84 13.35 14.36 -7.16
CA LEU B 84 13.25 13.03 -7.76
C LEU B 84 13.86 12.95 -9.16
N VAL B 85 13.70 13.99 -9.96
CA VAL B 85 14.37 14.07 -11.27
C VAL B 85 15.89 14.06 -11.12
N SER B 86 16.36 14.93 -10.25
CA SER B 86 17.76 14.93 -9.90
C SER B 86 18.23 13.56 -9.36
N ASN B 87 17.71 13.13 -8.21
CA ASN B 87 18.18 11.95 -7.51
C ASN B 87 17.78 10.55 -7.98
N LEU B 88 16.83 10.46 -8.89
CA LEU B 88 16.44 9.16 -9.46
C LEU B 88 16.70 8.99 -10.96
N ASN B 89 17.20 10.04 -11.63
CA ASN B 89 17.50 10.00 -13.09
C ASN B 89 16.29 9.60 -13.96
N VAL B 90 15.15 10.16 -13.60
CA VAL B 90 13.88 9.80 -14.18
C VAL B 90 13.41 11.02 -14.94
N LYS B 91 12.72 10.80 -16.06
CA LYS B 91 12.13 11.90 -16.82
C LYS B 91 10.96 12.47 -16.03
N SER B 92 10.82 13.79 -16.03
CA SER B 92 9.72 14.44 -15.29
C SER B 92 8.35 14.18 -15.90
N ARG B 93 8.30 13.72 -17.15
CA ARG B 93 7.06 13.21 -17.72
C ARG B 93 6.59 11.95 -16.97
N ARG B 94 7.53 11.25 -16.33
CA ARG B 94 7.25 10.00 -15.65
C ARG B 94 7.16 10.18 -14.16
N ILE B 95 6.77 11.37 -13.72
CA ILE B 95 6.54 11.64 -12.29
C ILE B 95 5.12 12.20 -12.11
N TYR B 96 4.35 11.61 -11.20
CA TYR B 96 2.98 12.06 -10.87
C TYR B 96 2.84 12.23 -9.36
N VAL B 97 2.18 13.29 -8.94
CA VAL B 97 2.11 13.66 -7.53
C VAL B 97 0.65 13.79 -7.10
N GLU B 98 0.17 12.92 -6.24
CA GLU B 98 -1.20 13.03 -5.78
C GLU B 98 -1.26 13.48 -4.35
N PHE B 99 -2.25 14.30 -4.06
CA PHE B 99 -2.58 14.72 -2.71
C PHE B 99 -3.90 14.15 -2.30
N ARG B 100 -3.93 13.56 -1.14
CA ARG B 100 -5.17 13.04 -0.59
C ARG B 100 -5.49 13.72 0.71
N ASP B 101 -6.74 14.15 0.84
CA ASP B 101 -7.18 14.90 2.01
C ASP B 101 -8.23 14.11 2.78
N CYS B 102 -8.16 12.79 2.65
CA CYS B 102 -9.11 11.92 3.30
C CYS B 102 -9.05 12.17 4.78
N ASN B 106 -12.41 10.54 11.18
CA ASN B 106 -11.25 9.72 10.85
C ASN B 106 -10.10 9.92 11.84
N PHE B 107 -9.51 8.89 12.43
CA PHE B 107 -8.65 9.26 13.56
C PHE B 107 -7.41 8.43 13.84
N ALA B 108 -6.50 8.96 14.65
CA ALA B 108 -5.39 8.11 15.10
C ALA B 108 -5.21 8.15 16.61
N PHE B 109 -4.81 7.01 17.20
CA PHE B 109 -4.46 6.91 18.64
C PHE B 109 -2.95 7.08 18.87
N GLY B 111 0.24 5.63 21.07
CA GLY B 111 0.92 4.96 22.17
C GLY B 111 1.33 5.90 23.30
N SER B 112 2.57 6.39 23.24
CA SER B 112 3.14 7.25 24.28
C SER B 112 2.07 7.93 25.15
N PRO C 1 -6.16 6.79 -14.78
CA PRO C 1 -6.35 5.35 -14.58
C PRO C 1 -5.28 4.77 -13.66
N CYS C 2 -5.62 3.68 -12.98
CA CYS C 2 -4.70 3.03 -12.06
C CYS C 2 -5.21 1.68 -11.66
N CYS C 3 -4.36 0.65 -11.79
CA CYS C 3 -4.67 -0.69 -11.33
C CYS C 3 -3.60 -1.27 -10.37
N GLU C 4 -3.99 -1.67 -9.17
CA GLU C 4 -3.05 -2.39 -8.31
C GLU C 4 -3.55 -3.78 -7.88
N VAL C 5 -2.72 -4.79 -8.18
CA VAL C 5 -2.93 -6.18 -7.75
C VAL C 5 -2.11 -6.41 -6.50
N ILE C 6 -2.77 -6.77 -5.39
CA ILE C 6 -2.07 -6.99 -4.11
C ILE C 6 -2.31 -8.42 -3.71
N THR C 7 -1.25 -9.18 -3.51
CA THR C 7 -1.34 -10.64 -3.48
C THR C 7 -0.13 -11.32 -2.84
N ASN C 8 -0.35 -12.52 -2.32
CA ASN C 8 0.71 -13.33 -1.74
C ASN C 8 1.18 -14.43 -2.71
N VAL C 9 0.74 -14.34 -3.96
CA VAL C 9 1.15 -15.28 -4.98
C VAL C 9 2.36 -14.76 -5.70
N ASN C 10 3.46 -15.49 -5.59
CA ASN C 10 4.74 -15.08 -6.15
C ASN C 10 4.84 -15.53 -7.59
N LEU C 11 4.98 -14.57 -8.49
CA LEU C 11 5.23 -14.84 -9.91
C LEU C 11 6.59 -14.31 -10.32
N PRO C 12 7.25 -15.01 -11.26
CA PRO C 12 8.44 -14.43 -11.90
C PRO C 12 8.08 -13.15 -12.69
N ASP C 13 9.03 -12.24 -12.82
CA ASP C 13 8.79 -10.93 -13.40
C ASP C 13 8.18 -10.96 -14.79
N ASP C 14 8.69 -11.84 -15.69
CA ASP C 14 8.18 -11.89 -17.07
C ASP C 14 6.68 -12.16 -17.05
N ASN C 15 6.26 -13.10 -16.19
CA ASN C 15 4.85 -13.45 -16.02
C ASN C 15 4.01 -12.28 -15.39
N VAL C 16 4.55 -11.63 -14.36
CA VAL C 16 3.91 -10.45 -13.76
C VAL C 16 3.63 -9.40 -14.84
N GLN C 17 4.60 -9.13 -15.69
CA GLN C 17 4.48 -8.08 -16.70
C GLN C 17 3.44 -8.43 -17.75
N SER C 18 3.34 -9.71 -18.11
CA SER C 18 2.29 -10.17 -19.05
C SER C 18 0.90 -9.88 -18.49
N THR C 19 0.70 -10.32 -17.25
CA THR C 19 -0.53 -10.12 -16.52
C THR C 19 -0.90 -8.65 -16.40
N LEU C 20 0.03 -7.83 -15.91
CA LEU C 20 -0.23 -6.40 -15.82
C LEU C 20 -0.61 -5.84 -17.18
N SER C 21 0.12 -6.24 -18.23
CA SER C 21 -0.19 -5.81 -19.58
C SER C 21 -1.58 -6.29 -20.04
N GLN C 22 -1.94 -7.52 -19.71
CA GLN C 22 -3.27 -8.01 -20.03
C GLN C 22 -4.40 -7.26 -19.31
N ILE C 23 -4.14 -6.85 -18.09
CA ILE C 23 -5.11 -6.08 -17.31
C ILE C 23 -5.28 -4.68 -17.87
N GLU C 24 -4.16 -4.05 -18.25
CA GLU C 24 -4.19 -2.72 -18.87
C GLU C 24 -5.05 -2.77 -20.12
N ASN C 25 -4.83 -3.79 -20.94
CA ASN C 25 -5.62 -3.97 -22.13
C ASN C 25 -7.08 -3.89 -21.74
N ALA C 26 -7.52 -4.79 -20.87
CA ALA C 26 -8.90 -4.77 -20.35
C ALA C 26 -9.34 -3.35 -19.86
N ILE C 27 -8.58 -2.78 -18.92
CA ILE C 27 -8.81 -1.43 -18.32
C ILE C 27 -8.55 -0.34 -19.33
N ASP C 29 -9.70 -1.69 -23.36
CA ASP C 29 -10.95 -1.60 -24.11
C ASP C 29 -12.09 -0.95 -23.30
N VAL C 30 -12.37 -1.51 -22.11
CA VAL C 30 -13.57 -1.13 -21.34
C VAL C 30 -13.60 0.38 -21.06
N MET C 31 -12.43 0.99 -20.88
CA MET C 31 -12.26 2.48 -20.91
C MET C 31 -10.78 2.85 -20.92
N LEU C 35 -4.74 2.70 -23.41
CA LEU C 35 -4.42 4.07 -23.07
C LEU C 35 -2.92 4.17 -22.81
N GLY C 36 -2.42 5.39 -22.82
CA GLY C 36 -1.02 5.70 -22.58
C GLY C 36 -0.79 6.42 -21.26
N TYR C 37 -1.86 6.72 -20.53
CA TYR C 37 -1.79 7.29 -19.19
C TYR C 37 -2.45 6.33 -18.22
N ILE C 38 -1.66 5.41 -17.70
CA ILE C 38 -2.15 4.41 -16.74
C ILE C 38 -1.00 3.84 -15.93
N MET C 39 -1.28 3.52 -14.66
CA MET C 39 -0.25 2.98 -13.77
C MET C 39 -0.71 1.67 -13.13
N SER C 40 -0.07 0.58 -13.52
CA SER C 40 -0.37 -0.72 -12.95
C SER C 40 0.80 -1.22 -12.13
N ASN C 41 0.48 -2.09 -11.17
CA ASN C 41 1.51 -2.67 -10.32
C ASN C 41 1.10 -3.99 -9.71
N TYR C 42 2.06 -4.85 -9.50
CA TYR C 42 1.88 -6.10 -8.84
C TYR C 42 2.67 -6.04 -7.57
N ASP C 43 1.98 -5.91 -6.45
CA ASP C 43 2.59 -5.79 -5.14
C ASP C 43 2.53 -7.16 -4.40
N TYR C 44 3.68 -7.82 -4.37
CA TYR C 44 3.86 -9.10 -3.66
C TYR C 44 3.92 -8.91 -2.12
N GLN C 45 2.88 -9.36 -1.43
CA GLN C 45 2.79 -9.32 0.03
C GLN C 45 2.54 -10.73 0.57
N LYS C 46 3.65 -11.42 0.87
CA LYS C 46 3.64 -12.83 1.24
C LYS C 46 2.78 -13.11 2.45
N ASN C 47 2.80 -12.20 3.42
CA ASN C 47 2.01 -12.38 4.64
C ASN C 47 0.58 -11.90 4.58
N LEU C 48 0.12 -11.53 3.41
CA LEU C 48 -1.23 -11.10 3.22
C LEU C 48 -2.16 -12.27 3.61
N ARG C 49 -3.22 -11.94 4.34
CA ARG C 49 -4.24 -12.90 4.76
C ARG C 49 -5.66 -12.50 4.31
N PHE C 50 -6.51 -13.51 4.11
CA PHE C 50 -7.96 -13.29 3.96
C PHE C 50 -8.71 -14.48 4.53
N GLY C 51 -9.76 -14.22 5.28
CA GLY C 51 -10.52 -15.28 5.93
C GLY C 51 -9.75 -16.08 6.99
N GLY C 52 -8.89 -15.38 7.73
CA GLY C 52 -8.01 -16.01 8.70
C GLY C 52 -6.97 -16.96 8.11
N SER C 53 -6.66 -16.79 6.84
CA SER C 53 -5.84 -17.74 6.09
C SER C 53 -4.84 -17.03 5.15
N ASN C 54 -3.62 -17.56 5.11
CA ASN C 54 -2.54 -17.05 4.26
C ASN C 54 -2.39 -17.85 2.94
N GLU C 55 -3.47 -18.54 2.57
CA GLU C 55 -3.50 -19.24 1.29
C GLU C 55 -3.57 -18.22 0.15
N ALA C 56 -3.27 -18.67 -1.07
CA ALA C 56 -3.28 -17.78 -2.22
C ALA C 56 -4.50 -16.87 -2.24
N TYR C 57 -4.21 -15.60 -2.46
CA TYR C 57 -5.14 -14.52 -2.39
C TYR C 57 -4.57 -13.36 -3.15
N CYS C 58 -5.53 -12.70 -3.81
CA CYS C 58 -5.34 -11.45 -4.56
C CYS C 58 -6.51 -10.45 -4.42
N PHE C 59 -6.13 -9.21 -4.09
CA PHE C 59 -6.94 -8.01 -3.97
C PHE C 59 -6.58 -7.13 -5.15
N VAL C 60 -7.60 -6.68 -5.88
CA VAL C 60 -7.41 -5.77 -7.01
C VAL C 60 -8.19 -4.46 -6.79
N ARG C 61 -7.48 -3.35 -6.84
CA ARG C 61 -8.08 -2.02 -6.76
C ARG C 61 -7.95 -1.35 -8.12
N ILE C 62 -9.08 -0.96 -8.70
CA ILE C 62 -9.10 -0.17 -9.94
C ILE C 62 -9.72 1.18 -9.65
N THR C 63 -9.00 2.25 -10.01
CA THR C 63 -9.46 3.61 -9.80
C THR C 63 -9.72 4.25 -11.17
N SER C 64 -10.96 4.61 -11.42
CA SER C 64 -11.37 5.11 -12.71
N ILE C 68 -15.74 3.79 -16.89
CA ILE C 68 -15.95 2.67 -15.95
C ILE C 68 -17.10 2.96 -14.93
N ASN C 69 -18.25 2.32 -15.14
CA ASN C 69 -19.40 2.51 -14.26
C ASN C 69 -20.35 1.31 -14.31
N ASN C 72 -20.60 -1.08 -17.13
CA ASN C 72 -19.27 -1.51 -17.59
C ASN C 72 -18.50 -2.38 -16.58
N ASN C 73 -18.60 -2.05 -15.31
CA ASN C 73 -17.74 -2.61 -14.28
C ASN C 73 -17.73 -4.13 -14.17
N SER C 74 -18.86 -4.77 -14.44
CA SER C 74 -18.97 -6.25 -14.49
C SER C 74 -18.04 -6.91 -15.52
N ALA C 75 -18.03 -6.34 -16.71
CA ALA C 75 -17.19 -6.79 -17.80
C ALA C 75 -15.73 -6.81 -17.39
N LEU C 76 -15.29 -5.73 -16.75
CA LEU C 76 -13.90 -5.60 -16.30
C LEU C 76 -13.59 -6.61 -15.22
N ALA C 77 -14.43 -6.65 -14.18
CA ALA C 77 -14.24 -7.60 -13.07
C ALA C 77 -14.10 -9.04 -13.55
N ASP C 78 -15.09 -9.47 -14.32
CA ASP C 78 -15.12 -10.81 -14.93
C ASP C 78 -13.84 -11.12 -15.69
N GLN C 79 -13.47 -10.19 -16.56
CA GLN C 79 -12.32 -10.34 -17.42
C GLN C 79 -11.05 -10.53 -16.58
N ILE C 80 -10.84 -9.61 -15.65
CA ILE C 80 -9.71 -9.66 -14.72
C ILE C 80 -9.67 -10.96 -13.92
N THR C 81 -10.83 -11.37 -13.40
CA THR C 81 -10.94 -12.61 -12.59
C THR C 81 -10.46 -13.88 -13.31
N LYS C 82 -10.76 -13.99 -14.60
CA LYS C 82 -10.25 -15.09 -15.42
C LYS C 82 -8.71 -14.98 -15.59
N LEU C 83 -8.22 -13.78 -15.93
CA LEU C 83 -6.76 -13.53 -16.09
C LEU C 83 -6.00 -14.02 -14.86
N LEU C 84 -6.44 -13.59 -13.68
CA LEU C 84 -5.75 -13.90 -12.41
C LEU C 84 -5.94 -15.35 -11.98
N VAL C 85 -7.12 -15.94 -12.24
CA VAL C 85 -7.30 -17.38 -11.96
C VAL C 85 -6.36 -18.22 -12.81
N SER C 86 -6.19 -17.84 -14.08
CA SER C 86 -5.42 -18.62 -15.08
C SER C 86 -3.93 -18.30 -14.99
N ASN C 87 -3.57 -17.06 -14.70
CA ASN C 87 -2.15 -16.75 -14.51
C ASN C 87 -1.61 -16.93 -13.11
N LEU C 88 -2.45 -16.87 -12.08
CA LEU C 88 -1.95 -16.99 -10.70
C LEU C 88 -2.35 -18.29 -9.96
N ASN C 89 -3.10 -19.19 -10.61
CA ASN C 89 -3.44 -20.47 -10.00
C ASN C 89 -3.96 -20.20 -8.58
N VAL C 90 -5.00 -19.38 -8.54
CA VAL C 90 -5.69 -19.03 -7.31
C VAL C 90 -7.16 -19.35 -7.51
N LYS C 91 -7.84 -19.74 -6.43
CA LYS C 91 -9.28 -20.03 -6.47
C LYS C 91 -10.02 -18.68 -6.61
N SER C 92 -11.06 -18.63 -7.43
CA SER C 92 -11.78 -17.38 -7.68
C SER C 92 -12.56 -16.90 -6.47
N ARG C 93 -12.77 -17.77 -5.48
CA ARG C 93 -13.31 -17.33 -4.16
C ARG C 93 -12.34 -16.37 -3.46
N ARG C 94 -11.05 -16.57 -3.77
CA ARG C 94 -9.97 -15.81 -3.15
C ARG C 94 -9.50 -14.72 -4.10
N ILE C 95 -10.43 -14.15 -4.86
CA ILE C 95 -10.15 -12.95 -5.65
C ILE C 95 -11.20 -11.93 -5.28
N TYR C 96 -10.76 -10.73 -4.90
CA TYR C 96 -11.65 -9.65 -4.61
C TYR C 96 -11.24 -8.47 -5.51
N VAL C 97 -12.24 -7.83 -6.14
CA VAL C 97 -12.00 -6.73 -7.08
C VAL C 97 -12.78 -5.49 -6.65
N GLU C 98 -12.07 -4.46 -6.22
CA GLU C 98 -12.72 -3.20 -5.81
C GLU C 98 -12.51 -2.13 -6.88
N PHE C 99 -13.60 -1.45 -7.24
CA PHE C 99 -13.55 -0.29 -8.13
C PHE C 99 -13.84 1.01 -7.39
N ARG C 100 -12.92 1.95 -7.46
CA ARG C 100 -13.11 3.23 -6.80
C ARG C 100 -13.44 4.18 -7.93
N ASP C 101 -14.62 4.79 -7.89
CA ASP C 101 -14.95 5.86 -8.86
C ASP C 101 -15.73 6.99 -8.22
N ALA C 108 -3.50 15.34 -7.93
CA ALA C 108 -2.79 15.06 -9.18
C ALA C 108 -2.54 16.32 -10.00
CAB 2OK D . 0.38 12.99 15.33
OAP 2OK D . 1.55 13.12 14.49
CAU 2OK D . 1.40 12.42 13.33
CAL 2OK D . 0.35 12.79 12.52
CAI 2OK D . 2.26 11.37 12.94
CAR 2OK D . 2.04 10.68 11.74
CAC 2OK D . 2.91 9.67 11.42
CAJ 2OK D . 0.94 11.06 10.91
CAV 2OK D . 0.07 12.11 11.34
OAQ 2OK D . -1.00 12.60 10.60
CAW 2OK D . -2.28 12.55 11.14
CAM 2OK D . -3.14 11.71 10.48
CAK 2OK D . -2.80 13.26 12.25
CAS 2OK D . -4.15 13.11 12.69
CAD 2OK D . -4.70 13.80 13.78
NAN 2OK D . -4.93 12.28 11.99
CAY 2OK D . -4.44 11.59 10.93
CAX 2OK D . -5.31 10.77 10.26
CAG 2OK D . -6.05 9.82 10.97
CAE 2OK D . -6.96 9.01 10.32
CAT 2OK D . -7.08 9.16 8.95
OAO 2OK D . -7.97 8.37 8.29
CAA 2OK D . -8.51 8.94 7.09
CAF 2OK D . -6.32 10.11 8.24
CAH 2OK D . -5.42 10.92 8.89
CAB 2OK E . 0.30 11.61 -15.23
OAP 2OK E . -1.03 11.17 -15.27
CAU 2OK E . -1.40 10.06 -14.62
CAL 2OK E . -2.74 9.78 -14.47
CAI 2OK E . -0.53 9.14 -14.08
CAR 2OK E . -0.94 8.04 -13.45
CAC 2OK E . -0.03 7.21 -12.96
CAJ 2OK E . -2.24 7.79 -13.31
CAV 2OK E . -3.14 8.67 -13.81
OAQ 2OK E . -4.42 8.38 -13.70
CAW 2OK E . -5.40 9.26 -13.66
CAM 2OK E . -5.32 10.57 -13.28
CAK 2OK E . -6.62 8.73 -13.97
CAS 2OK E . -7.72 9.55 -13.91
CAD 2OK E . -8.93 9.02 -14.23
NAN 2OK E . -7.61 10.80 -13.57
CAY 2OK E . -6.46 11.35 -13.26
CAX 2OK E . -6.46 12.67 -12.89
CAG 2OK E . -7.10 13.06 -11.73
CAE 2OK E . -7.09 14.36 -11.30
CAT 2OK E . -6.47 15.31 -12.05
OAO 2OK E . -6.47 16.59 -11.62
CAA 2OK E . -6.65 17.61 -12.59
CAF 2OK E . -5.83 14.95 -13.20
CAH 2OK E . -5.83 13.64 -13.63
#